data_7VQW
#
_entry.id   7VQW
#
_cell.length_a   35.743
_cell.length_b   50.458
_cell.length_c   65.112
_cell.angle_alpha   90.000
_cell.angle_beta   94.490
_cell.angle_gamma   90.000
#
_symmetry.space_group_name_H-M   'P 1 21 1'
#
loop_
_entity.id
_entity.type
_entity.pdbx_description
1 polymer 'de novo designed protein'
2 water water
#
_entity_poly.entity_id   1
_entity_poly.type   'polypeptide(L)'
_entity_poly.pdbx_seq_one_letter_code
;VLEEDREPDFIEVTSLQEFKDIMSMDILTVACFWADDCGPCKLIEEPLKKIAEDFPDVVFALVDADKNPEIIKELNVKSL
PTWIIARSGEYLGDVVGAKPDLLIEKIKNIKKNLEH
;
_entity_poly.pdbx_strand_id   A,B
#
# COMPACT_ATOMS: atom_id res chain seq x y z
N VAL A 1 37.60 14.58 -15.02
CA VAL A 1 36.68 14.44 -13.85
C VAL A 1 35.94 13.11 -13.91
N LEU A 2 35.47 12.72 -15.10
CA LEU A 2 34.61 11.55 -15.38
C LEU A 2 33.19 11.82 -14.90
N GLU A 3 32.45 12.58 -15.72
CA GLU A 3 31.19 13.23 -15.30
C GLU A 3 29.98 12.45 -15.78
N GLU A 4 28.82 12.80 -15.20
CA GLU A 4 27.55 12.10 -15.42
C GLU A 4 27.73 10.60 -15.18
N ASP A 5 28.31 10.27 -14.03
CA ASP A 5 28.76 8.90 -13.76
C ASP A 5 27.61 7.92 -13.83
N ARG A 6 26.44 8.30 -13.34
CA ARG A 6 25.21 7.56 -13.63
C ARG A 6 24.40 8.36 -14.64
N GLU A 7 23.30 7.76 -15.07
CA GLU A 7 22.45 8.37 -16.08
C GLU A 7 22.07 9.79 -15.63
N PRO A 8 22.01 10.76 -16.55
CA PRO A 8 21.64 12.12 -16.16
C PRO A 8 20.30 12.26 -15.44
N ASP A 9 19.38 11.31 -15.64
CA ASP A 9 18.06 11.42 -15.01
C ASP A 9 18.09 11.06 -13.53
N PHE A 10 19.17 10.45 -13.05
CA PHE A 10 19.30 10.04 -11.65
C PHE A 10 20.18 11.03 -10.90
N ILE A 11 19.69 11.47 -9.78
CA ILE A 11 20.49 12.21 -8.80
C ILE A 11 21.14 11.19 -7.87
N GLU A 12 22.41 11.41 -7.52
CA GLU A 12 23.14 10.52 -6.62
C GLU A 12 23.29 11.18 -5.26
N VAL A 13 22.91 10.44 -4.22
CA VAL A 13 22.85 10.91 -2.84
C VAL A 13 24.06 10.36 -2.10
N THR A 14 24.78 11.23 -1.39
CA THR A 14 26.02 10.82 -0.71
C THR A 14 26.02 11.04 0.79
N SER A 15 24.97 11.59 1.37
CA SER A 15 24.91 11.67 2.83
C SER A 15 23.46 11.54 3.26
N LEU A 16 23.26 11.06 4.49
CA LEU A 16 21.93 11.06 5.07
C LEU A 16 21.34 12.46 5.03
N GLN A 17 22.19 13.48 5.19
CA GLN A 17 21.73 14.86 5.12
C GLN A 17 21.15 15.16 3.75
N GLU A 18 21.92 14.86 2.69
CA GLU A 18 21.40 15.09 1.33
C GLU A 18 20.10 14.34 1.11
N PHE A 19 20.05 13.09 1.57
CA PHE A 19 18.86 12.26 1.44
C PHE A 19 17.65 12.94 2.07
N LYS A 20 17.74 13.24 3.36
CA LYS A 20 16.62 13.90 4.05
C LYS A 20 16.28 15.22 3.38
N ASP A 21 17.28 15.93 2.86
CA ASP A 21 16.99 17.21 2.20
C ASP A 21 16.09 16.99 1.00
N ILE A 22 16.37 15.94 0.22
CA ILE A 22 15.67 15.71 -1.04
C ILE A 22 14.26 15.16 -0.80
N MET A 23 14.10 14.27 0.18
CA MET A 23 12.77 13.73 0.48
C MET A 23 11.89 14.76 1.16
N SER A 24 12.46 15.87 1.61
CA SER A 24 11.72 16.98 2.19
C SER A 24 11.00 17.82 1.14
N MET A 25 11.40 17.71 -0.11
CA MET A 25 10.91 18.64 -1.10
C MET A 25 9.47 18.33 -1.50
N ASP A 26 8.76 19.36 -1.96
CA ASP A 26 7.36 19.20 -2.41
C ASP A 26 7.40 18.60 -3.81
N ILE A 27 7.89 17.37 -3.86
CA ILE A 27 7.99 16.64 -5.13
C ILE A 27 8.11 15.16 -4.84
N LEU A 28 7.38 14.36 -5.61
CA LEU A 28 7.47 12.92 -5.50
C LEU A 28 8.89 12.47 -5.82
N THR A 29 9.52 11.81 -4.87
CA THR A 29 10.91 11.38 -5.00
C THR A 29 11.01 9.88 -4.76
N VAL A 30 11.60 9.17 -5.72
CA VAL A 30 11.86 7.74 -5.62
C VAL A 30 13.36 7.54 -5.47
N ALA A 31 13.78 7.08 -4.30
CA ALA A 31 15.18 6.77 -4.00
C ALA A 31 15.43 5.29 -4.24
N CYS A 32 16.39 4.97 -5.12
CA CYS A 32 16.76 3.58 -5.41
C CYS A 32 18.06 3.25 -4.72
N PHE A 33 18.02 2.26 -3.84
CA PHE A 33 19.18 1.74 -3.13
C PHE A 33 19.80 0.58 -3.89
N TRP A 34 21.11 0.66 -4.12
CA TRP A 34 21.82 -0.27 -5.00
C TRP A 34 23.21 -0.49 -4.45
N ALA A 35 23.93 -1.45 -5.03
CA ALA A 35 25.32 -1.72 -4.62
C ALA A 35 26.03 -2.49 -5.72
N ASP A 36 27.36 -2.52 -5.62
CA ASP A 36 28.20 -3.25 -6.60
C ASP A 36 27.96 -4.75 -6.57
N ASP A 37 28.25 -5.37 -5.43
CA ASP A 37 27.98 -6.80 -5.22
C ASP A 37 26.49 -6.98 -5.04
N CYS A 38 25.73 -6.82 -6.12
CA CYS A 38 24.27 -7.00 -6.05
C CYS A 38 23.77 -7.39 -7.41
N GLY A 39 23.31 -8.63 -7.52
CA GLY A 39 22.89 -9.19 -8.80
C GLY A 39 21.55 -8.66 -9.26
N PRO A 40 20.53 -8.71 -8.40
CA PRO A 40 19.27 -8.08 -8.76
C PRO A 40 19.36 -6.59 -9.11
N CYS A 41 20.26 -5.84 -8.47
CA CYS A 41 20.46 -4.44 -8.85
C CYS A 41 20.80 -4.33 -10.33
N LYS A 42 21.78 -5.11 -10.80
CA LYS A 42 22.19 -4.99 -12.20
C LYS A 42 21.00 -5.18 -13.13
N LEU A 43 20.18 -6.21 -12.91
CA LEU A 43 19.20 -6.54 -13.94
C LEU A 43 17.99 -5.60 -13.93
N ILE A 44 17.84 -4.74 -12.91
CA ILE A 44 16.82 -3.69 -12.96
C ILE A 44 17.39 -2.38 -13.46
N GLU A 45 18.66 -2.35 -13.89
CA GLU A 45 19.31 -1.11 -14.29
C GLU A 45 18.57 -0.45 -15.45
N GLU A 46 18.33 -1.20 -16.54
CA GLU A 46 17.63 -0.64 -17.67
C GLU A 46 16.20 -0.27 -17.33
N PRO A 47 15.35 -1.20 -16.84
CA PRO A 47 13.94 -0.86 -16.63
C PRO A 47 13.73 0.37 -15.74
N LEU A 48 14.71 0.66 -14.90
CA LEU A 48 14.63 1.82 -14.03
C LEU A 48 14.83 3.11 -14.82
N LYS A 49 15.71 3.09 -15.83
CA LYS A 49 15.85 4.24 -16.72
C LYS A 49 14.57 4.46 -17.51
N LYS A 50 13.90 3.37 -17.90
CA LYS A 50 12.62 3.48 -18.60
C LYS A 50 11.56 4.09 -17.71
N ILE A 51 11.56 3.73 -16.42
CA ILE A 51 10.58 4.28 -15.47
C ILE A 51 10.86 5.76 -15.20
N ALA A 52 12.12 6.12 -14.99
CA ALA A 52 12.46 7.53 -14.86
C ALA A 52 12.05 8.32 -16.11
N GLU A 53 12.05 7.69 -17.28
CA GLU A 53 11.54 8.37 -18.47
C GLU A 53 10.01 8.48 -18.42
N ASP A 54 9.35 7.42 -17.97
CA ASP A 54 7.89 7.39 -17.92
C ASP A 54 7.32 8.34 -16.88
N PHE A 55 8.08 8.72 -15.86
CA PHE A 55 7.58 9.58 -14.78
C PHE A 55 8.47 10.83 -14.61
N PRO A 56 8.57 11.67 -15.66
CA PRO A 56 9.40 12.88 -15.57
C PRO A 56 9.02 13.81 -14.43
N ASP A 57 7.81 13.71 -13.90
CA ASP A 57 7.44 14.54 -12.76
C ASP A 57 8.01 14.02 -11.46
N VAL A 58 8.62 12.84 -11.44
CA VAL A 58 9.20 12.22 -10.25
C VAL A 58 10.73 12.36 -10.28
N VAL A 59 11.32 12.72 -9.14
CA VAL A 59 12.77 12.66 -9.01
C VAL A 59 13.21 11.26 -8.59
N PHE A 60 14.19 10.72 -9.31
CA PHE A 60 14.80 9.42 -9.00
C PHE A 60 16.22 9.66 -8.52
N ALA A 61 16.47 9.35 -7.25
CA ALA A 61 17.78 9.47 -6.61
C ALA A 61 18.35 8.07 -6.38
N LEU A 62 19.66 7.93 -6.56
CA LEU A 62 20.38 6.68 -6.34
C LEU A 62 21.16 6.76 -5.04
N VAL A 63 21.11 5.72 -4.23
CA VAL A 63 21.92 5.61 -3.03
C VAL A 63 22.76 4.36 -3.12
N ASP A 64 24.09 4.54 -3.16
CA ASP A 64 25.05 3.44 -3.06
C ASP A 64 25.11 2.99 -1.61
N ALA A 65 24.71 1.73 -1.36
CA ALA A 65 24.64 1.21 0.00
C ALA A 65 26.04 1.01 0.60
N ASP A 66 27.00 0.66 -0.25
CA ASP A 66 28.40 0.54 0.17
C ASP A 66 28.84 1.80 0.91
N LYS A 67 28.50 2.95 0.34
CA LYS A 67 29.05 4.26 0.74
C LYS A 67 28.11 5.05 1.63
N ASN A 68 26.96 4.51 1.98
CA ASN A 68 25.98 5.21 2.81
C ASN A 68 25.34 4.26 3.80
N PRO A 69 26.14 3.58 4.63
CA PRO A 69 25.54 2.67 5.60
C PRO A 69 24.68 3.36 6.64
N GLU A 70 24.94 4.64 6.93
CA GLU A 70 24.13 5.29 7.95
C GLU A 70 22.74 5.64 7.43
N ILE A 71 22.61 5.88 6.12
CA ILE A 71 21.28 5.96 5.50
C ILE A 71 20.66 4.59 5.42
N ILE A 72 21.46 3.58 5.07
CA ILE A 72 20.98 2.20 5.08
C ILE A 72 20.46 1.85 6.47
N LYS A 73 21.16 2.26 7.51
CA LYS A 73 20.72 1.94 8.86
C LYS A 73 19.54 2.81 9.28
N GLU A 74 19.56 4.10 8.95
CA GLU A 74 18.46 4.99 9.33
C GLU A 74 17.12 4.49 8.80
N LEU A 75 17.11 4.01 7.56
CA LEU A 75 15.87 3.61 6.89
C LEU A 75 15.60 2.12 6.96
N ASN A 76 16.38 1.37 7.74
CA ASN A 76 16.13 -0.06 7.94
C ASN A 76 16.11 -0.82 6.61
N VAL A 77 17.03 -0.50 5.72
CA VAL A 77 17.14 -1.18 4.43
C VAL A 77 17.95 -2.46 4.62
N LYS A 78 17.29 -3.62 4.44
CA LYS A 78 17.91 -4.94 4.66
C LYS A 78 18.05 -5.76 3.39
N SER A 79 17.80 -5.20 2.21
CA SER A 79 17.81 -6.01 0.98
C SER A 79 17.91 -5.09 -0.22
N LEU A 80 18.54 -5.57 -1.29
CA LEU A 80 18.72 -4.76 -2.49
C LEU A 80 18.27 -5.46 -3.77
N PRO A 81 17.61 -4.73 -4.67
CA PRO A 81 17.36 -3.28 -4.56
C PRO A 81 16.11 -2.94 -3.77
N THR A 82 16.08 -1.72 -3.24
CA THR A 82 14.98 -1.19 -2.46
C THR A 82 14.73 0.23 -2.93
N TRP A 83 13.46 0.51 -3.23
CA TRP A 83 12.97 1.83 -3.59
C TRP A 83 12.15 2.36 -2.44
N ILE A 84 12.45 3.57 -2.02
CA ILE A 84 11.66 4.27 -1.00
C ILE A 84 11.09 5.51 -1.65
N ILE A 85 9.78 5.72 -1.48
CA ILE A 85 9.03 6.79 -2.14
C ILE A 85 8.58 7.78 -1.07
N ALA A 86 8.64 9.07 -1.39
CA ALA A 86 8.35 10.14 -0.43
C ALA A 86 8.06 11.46 -1.14
N ARG A 87 7.52 12.40 -0.37
CA ARG A 87 7.20 13.73 -0.88
C ARG A 87 6.90 14.66 0.27
N SER A 88 7.58 15.79 0.33
CA SER A 88 7.44 16.71 1.46
C SER A 88 7.69 15.98 2.77
N GLY A 89 8.80 15.26 2.85
CA GLY A 89 9.22 14.69 4.12
C GLY A 89 8.34 13.58 4.64
N GLU A 90 7.39 13.12 3.85
CA GLU A 90 6.49 12.04 4.23
C GLU A 90 6.79 10.83 3.38
N TYR A 91 7.00 9.68 4.01
CA TYR A 91 7.31 8.45 3.28
C TYR A 91 6.04 7.76 2.86
N LEU A 92 5.90 7.48 1.58
CA LEU A 92 4.62 7.10 0.98
C LEU A 92 4.57 5.66 0.50
N GLY A 93 5.63 4.89 0.65
CA GLY A 93 5.63 3.49 0.24
C GLY A 93 7.01 3.02 -0.14
N ASP A 94 7.09 1.72 -0.41
CA ASP A 94 8.38 1.09 -0.70
C ASP A 94 8.18 -0.19 -1.48
N VAL A 95 9.26 -0.62 -2.13
CA VAL A 95 9.32 -1.86 -2.92
C VAL A 95 10.65 -2.50 -2.61
N VAL A 96 10.62 -3.76 -2.18
CA VAL A 96 11.85 -4.51 -1.83
C VAL A 96 12.02 -5.63 -2.85
N GLY A 97 13.17 -5.63 -3.53
CA GLY A 97 13.50 -6.64 -4.51
C GLY A 97 13.44 -6.09 -5.92
N ALA A 98 13.98 -6.86 -6.84
CA ALA A 98 14.03 -6.46 -8.26
C ALA A 98 12.64 -6.54 -8.88
N LYS A 99 11.76 -5.60 -8.51
CA LYS A 99 10.34 -5.64 -8.86
C LYS A 99 9.90 -4.35 -9.56
N PRO A 100 10.43 -4.07 -10.77
CA PRO A 100 10.05 -2.85 -11.49
C PRO A 100 8.56 -2.64 -11.72
N ASP A 101 7.80 -3.69 -12.01
CA ASP A 101 6.37 -3.48 -12.30
C ASP A 101 5.59 -3.07 -11.06
N LEU A 102 6.02 -3.49 -9.87
CA LEU A 102 5.35 -3.03 -8.64
C LEU A 102 5.72 -1.60 -8.31
N LEU A 103 6.95 -1.19 -8.60
CA LEU A 103 7.32 0.21 -8.47
C LEU A 103 6.40 1.11 -9.29
N ILE A 104 6.20 0.77 -10.56
CA ILE A 104 5.29 1.48 -11.46
C ILE A 104 3.93 1.64 -10.81
N GLU A 105 3.34 0.51 -10.39
CA GLU A 105 2.01 0.49 -9.77
C GLU A 105 1.98 1.36 -8.53
N LYS A 106 2.96 1.17 -7.65
CA LYS A 106 3.03 1.97 -6.43
C LYS A 106 3.16 3.45 -6.75
N ILE A 107 3.90 3.79 -7.81
CA ILE A 107 4.08 5.18 -8.22
C ILE A 107 2.75 5.77 -8.67
N LYS A 108 2.08 5.07 -9.58
CA LYS A 108 0.77 5.54 -10.06
C LYS A 108 -0.22 5.62 -8.92
N ASN A 109 -0.19 4.64 -8.02
CA ASN A 109 -1.13 4.60 -6.90
C ASN A 109 -0.94 5.80 -5.98
N ILE A 110 0.31 6.12 -5.67
CA ILE A 110 0.61 7.27 -4.80
C ILE A 110 0.24 8.58 -5.48
N LYS A 111 0.46 8.69 -6.78
CA LYS A 111 0.07 9.88 -7.52
C LYS A 111 -1.44 10.09 -7.49
N LYS A 112 -2.22 9.04 -7.75
CA LYS A 112 -3.68 9.17 -7.74
C LYS A 112 -4.16 9.64 -6.37
N ASN A 113 -3.59 9.09 -5.31
CA ASN A 113 -3.92 9.51 -3.94
C ASN A 113 -3.43 10.92 -3.61
N LEU A 114 -2.47 11.49 -4.36
CA LEU A 114 -2.03 12.87 -4.11
C LEU A 114 -2.97 13.88 -4.78
N GLU A 115 -3.45 13.58 -6.00
CA GLU A 115 -4.58 14.21 -6.70
C GLU A 115 -5.97 13.82 -6.07
N HIS A 116 -5.87 13.05 -4.99
CA HIS A 116 -7.00 12.49 -4.23
C HIS A 116 -8.04 11.84 -5.15
N VAL B 1 -40.54 11.62 9.78
CA VAL B 1 -40.96 12.71 10.71
C VAL B 1 -40.71 12.21 12.14
N LEU B 2 -40.34 10.94 12.30
CA LEU B 2 -40.14 10.34 13.63
C LEU B 2 -38.90 9.45 13.65
N GLU B 3 -37.99 9.71 14.60
CA GLU B 3 -36.77 8.92 14.95
C GLU B 3 -35.61 9.19 13.99
N GLU B 4 -34.47 8.52 14.22
CA GLU B 4 -33.22 8.76 13.46
C GLU B 4 -32.69 7.47 12.85
N ASP B 5 -31.79 7.63 11.84
CA ASP B 5 -31.18 6.54 11.02
C ASP B 5 -29.68 6.80 10.86
N ARG B 6 -28.90 6.41 11.86
CA ARG B 6 -27.45 6.71 11.88
C ARG B 6 -26.66 5.45 11.56
N GLU B 7 -26.12 5.36 10.34
CA GLU B 7 -25.36 4.19 9.89
C GLU B 7 -24.00 4.17 10.57
N PRO B 8 -23.54 2.99 11.07
CA PRO B 8 -22.19 2.89 11.66
C PRO B 8 -21.10 2.95 10.59
N ASP B 9 -21.50 3.37 9.39
CA ASP B 9 -20.64 3.56 8.21
C ASP B 9 -20.18 2.24 7.62
N PHE B 10 -21.11 1.52 7.00
CA PHE B 10 -20.82 0.35 6.18
C PHE B 10 -21.21 0.68 4.75
N ILE B 11 -20.21 1.12 3.99
CA ILE B 11 -20.41 1.48 2.58
C ILE B 11 -20.64 0.22 1.76
N GLU B 12 -21.77 0.17 1.06
CA GLU B 12 -22.09 -0.97 0.18
C GLU B 12 -21.33 -0.87 -1.14
N VAL B 13 -20.50 -1.86 -1.43
CA VAL B 13 -19.79 -1.89 -2.72
C VAL B 13 -20.73 -2.46 -3.77
N THR B 14 -20.92 -1.71 -4.87
CA THR B 14 -21.82 -2.12 -5.96
C THR B 14 -21.15 -2.29 -7.32
N SER B 15 -19.81 -2.27 -7.41
CA SER B 15 -19.16 -2.62 -8.69
C SER B 15 -17.74 -3.06 -8.45
N LEU B 16 -17.18 -3.78 -9.42
CA LEU B 16 -15.76 -4.13 -9.36
C LEU B 16 -14.87 -2.89 -9.43
N GLN B 17 -15.22 -1.94 -10.28
CA GLN B 17 -14.41 -0.72 -10.37
C GLN B 17 -14.47 0.06 -9.06
N GLU B 18 -15.67 0.19 -8.49
CA GLU B 18 -15.79 0.90 -7.22
C GLU B 18 -15.04 0.19 -6.11
N PHE B 19 -14.92 -1.14 -6.19
CA PHE B 19 -14.16 -1.89 -5.20
C PHE B 19 -12.67 -1.59 -5.31
N LYS B 20 -12.14 -1.67 -6.53
CA LYS B 20 -10.73 -1.32 -6.72
C LYS B 20 -10.47 0.12 -6.29
N ASP B 21 -11.43 1.02 -6.54
CA ASP B 21 -11.25 2.44 -6.16
C ASP B 21 -11.09 2.59 -4.67
N ILE B 22 -11.82 1.79 -3.89
CA ILE B 22 -11.84 1.93 -2.45
C ILE B 22 -10.65 1.22 -1.82
N MET B 23 -10.30 0.04 -2.33
CA MET B 23 -9.15 -0.70 -1.81
C MET B 23 -7.82 -0.04 -2.19
N SER B 24 -7.80 0.85 -3.18
CA SER B 24 -6.61 1.56 -3.65
C SER B 24 -6.34 2.86 -2.90
N MET B 25 -7.17 3.21 -1.93
CA MET B 25 -7.03 4.48 -1.24
C MET B 25 -6.06 4.38 -0.08
N ASP B 26 -5.47 5.53 0.27
CA ASP B 26 -4.50 5.68 1.34
C ASP B 26 -5.17 5.59 2.69
N ILE B 27 -6.04 4.60 2.85
CA ILE B 27 -6.76 4.36 4.08
C ILE B 27 -6.77 2.86 4.30
N LEU B 28 -6.55 2.44 5.54
CA LEU B 28 -6.72 1.03 5.90
C LEU B 28 -8.18 0.63 5.70
N THR B 29 -8.42 -0.46 5.00
CA THR B 29 -9.77 -0.83 4.57
C THR B 29 -10.01 -2.32 4.76
N VAL B 30 -11.22 -2.64 5.23
CA VAL B 30 -11.70 -4.01 5.47
C VAL B 30 -12.92 -4.24 4.61
N ALA B 31 -12.77 -5.02 3.55
CA ALA B 31 -13.90 -5.51 2.74
C ALA B 31 -14.52 -6.73 3.41
N CYS B 32 -15.82 -6.65 3.75
CA CYS B 32 -16.54 -7.75 4.41
CA CYS B 32 -16.55 -7.73 4.42
C CYS B 32 -17.46 -8.39 3.40
N PHE B 33 -17.14 -9.63 3.03
CA PHE B 33 -17.97 -10.41 2.13
C PHE B 33 -19.06 -11.10 2.94
N TRP B 34 -20.31 -10.93 2.52
CA TRP B 34 -21.47 -11.52 3.17
C TRP B 34 -22.49 -11.91 2.13
N ALA B 35 -23.59 -12.48 2.59
CA ALA B 35 -24.70 -12.87 1.71
C ALA B 35 -25.94 -13.02 2.57
N ASP B 36 -27.08 -13.16 1.91
CA ASP B 36 -28.35 -13.31 2.63
C ASP B 36 -28.51 -14.71 3.18
N ASP B 37 -28.22 -15.73 2.38
CA ASP B 37 -28.27 -17.15 2.82
C ASP B 37 -26.96 -17.56 3.45
N CYS B 38 -26.65 -16.92 4.56
CA CYS B 38 -25.41 -17.17 5.33
C CYS B 38 -25.75 -16.91 6.77
N GLY B 39 -25.89 -17.98 7.54
CA GLY B 39 -26.19 -17.87 8.96
C GLY B 39 -25.00 -17.32 9.74
N PRO B 40 -23.78 -17.81 9.45
CA PRO B 40 -22.61 -17.23 10.13
C PRO B 40 -22.41 -15.73 9.93
N CYS B 41 -22.66 -15.19 8.74
CA CYS B 41 -22.65 -13.72 8.57
C CYS B 41 -23.63 -13.05 9.54
N LYS B 42 -24.85 -13.59 9.65
CA LYS B 42 -25.83 -12.99 10.54
C LYS B 42 -25.32 -13.00 11.97
N LEU B 43 -24.59 -14.03 12.34
CA LEU B 43 -24.09 -14.20 13.71
C LEU B 43 -23.12 -13.11 14.13
N ILE B 44 -22.39 -12.51 13.18
CA ILE B 44 -21.37 -11.52 13.50
C ILE B 44 -21.78 -10.11 13.06
N GLU B 45 -23.06 -9.92 12.75
CA GLU B 45 -23.53 -8.59 12.34
C GLU B 45 -23.24 -7.55 13.41
N GLU B 46 -23.68 -7.79 14.65
CA GLU B 46 -23.42 -6.83 15.72
C GLU B 46 -21.94 -6.76 16.11
N PRO B 47 -21.25 -7.87 16.39
CA PRO B 47 -19.81 -7.77 16.67
C PRO B 47 -19.04 -6.95 15.63
N LEU B 48 -19.43 -7.03 14.35
CA LEU B 48 -18.73 -6.31 13.31
C LEU B 48 -18.96 -4.81 13.43
N LYS B 49 -20.19 -4.40 13.75
CA LYS B 49 -20.50 -3.00 13.99
C LYS B 49 -19.70 -2.44 15.16
N LYS B 50 -19.52 -3.24 16.21
CA LYS B 50 -18.68 -2.80 17.32
C LYS B 50 -17.27 -2.56 16.87
N ILE B 51 -16.75 -3.44 16.00
CA ILE B 51 -15.36 -3.31 15.56
C ILE B 51 -15.19 -2.05 14.71
N ALA B 52 -16.12 -1.80 13.79
CA ALA B 52 -16.04 -0.61 12.97
C ALA B 52 -16.03 0.66 13.82
N GLU B 53 -16.68 0.63 14.99
CA GLU B 53 -16.62 1.74 15.92
C GLU B 53 -15.33 1.75 16.73
N ASP B 54 -14.83 0.57 17.14
CA ASP B 54 -13.54 0.57 17.83
C ASP B 54 -12.43 1.11 16.94
N PHE B 55 -12.60 1.00 15.62
CA PHE B 55 -11.57 1.39 14.65
C PHE B 55 -12.13 2.38 13.64
N PRO B 56 -12.51 3.59 14.09
CA PRO B 56 -13.09 4.57 13.15
C PRO B 56 -12.14 5.03 12.07
N ASP B 57 -10.83 4.94 12.31
CA ASP B 57 -9.80 5.25 11.31
C ASP B 57 -9.80 4.30 10.13
N VAL B 58 -10.51 3.16 10.22
CA VAL B 58 -10.55 2.12 9.17
C VAL B 58 -11.88 2.18 8.45
N VAL B 59 -11.85 2.01 7.14
CA VAL B 59 -13.03 1.93 6.28
C VAL B 59 -13.51 0.49 6.16
N PHE B 60 -14.77 0.24 6.50
CA PHE B 60 -15.43 -1.08 6.36
C PHE B 60 -16.44 -1.02 5.24
N ALA B 61 -16.19 -1.76 4.16
CA ALA B 61 -17.06 -1.83 2.99
C ALA B 61 -17.70 -3.22 2.88
N LEU B 62 -19.03 -3.27 2.91
CA LEU B 62 -19.75 -4.52 2.68
C LEU B 62 -19.79 -4.86 1.19
N VAL B 63 -19.47 -6.11 0.87
CA VAL B 63 -19.60 -6.68 -0.49
C VAL B 63 -20.58 -7.83 -0.38
N ASP B 64 -21.81 -7.64 -0.87
CA ASP B 64 -22.80 -8.73 -0.93
C ASP B 64 -22.46 -9.66 -2.09
N ALA B 65 -22.22 -10.94 -1.76
CA ALA B 65 -21.63 -11.92 -2.69
C ALA B 65 -22.59 -12.40 -3.75
N ASP B 66 -23.90 -12.22 -3.55
CA ASP B 66 -24.87 -12.49 -4.61
C ASP B 66 -24.72 -11.46 -5.73
N LYS B 67 -24.74 -10.18 -5.39
CA LYS B 67 -24.73 -9.11 -6.37
C LYS B 67 -23.35 -8.82 -6.92
N ASN B 68 -22.33 -9.58 -6.51
CA ASN B 68 -20.97 -9.29 -6.99
C ASN B 68 -20.13 -10.56 -7.08
N PRO B 69 -20.54 -11.55 -7.89
CA PRO B 69 -19.73 -12.78 -7.99
C PRO B 69 -18.36 -12.56 -8.60
N GLU B 70 -18.17 -11.52 -9.40
CA GLU B 70 -16.86 -11.27 -10.01
C GLU B 70 -15.84 -10.90 -8.94
N ILE B 71 -16.28 -10.18 -7.91
CA ILE B 71 -15.41 -9.85 -6.80
C ILE B 71 -15.04 -11.10 -6.03
N ILE B 72 -16.05 -11.91 -5.69
CA ILE B 72 -15.83 -13.23 -5.09
C ILE B 72 -14.86 -14.03 -5.95
N LYS B 73 -15.09 -14.04 -7.26
CA LYS B 73 -14.21 -14.74 -8.18
C LYS B 73 -12.81 -14.15 -8.19
N GLU B 74 -12.70 -12.85 -8.45
CA GLU B 74 -11.37 -12.24 -8.64
C GLU B 74 -10.57 -12.21 -7.36
N LEU B 75 -11.23 -12.25 -6.20
CA LEU B 75 -10.53 -12.15 -4.91
C LEU B 75 -10.35 -13.50 -4.22
N ASN B 76 -10.82 -14.61 -4.81
CA ASN B 76 -10.53 -15.97 -4.32
C ASN B 76 -11.23 -16.23 -2.99
N VAL B 77 -12.51 -15.84 -2.93
CA VAL B 77 -13.31 -15.90 -1.71
C VAL B 77 -14.15 -17.16 -1.76
N LYS B 78 -13.93 -18.07 -0.79
CA LYS B 78 -14.55 -19.42 -0.82
C LYS B 78 -15.63 -19.61 0.24
N SER B 79 -15.57 -18.85 1.34
CA SER B 79 -16.50 -18.98 2.46
C SER B 79 -17.04 -17.61 2.84
N LEU B 80 -18.20 -17.60 3.47
CA LEU B 80 -18.77 -16.38 4.02
C LEU B 80 -19.05 -16.53 5.51
N PRO B 81 -18.74 -15.50 6.31
CA PRO B 81 -18.12 -14.23 5.91
C PRO B 81 -16.63 -14.30 5.61
N THR B 82 -16.11 -13.35 4.84
CA THR B 82 -14.67 -13.24 4.62
C THR B 82 -14.30 -11.78 4.60
N TRP B 83 -13.21 -11.47 5.30
CA TRP B 83 -12.71 -10.12 5.49
C TRP B 83 -11.38 -10.01 4.79
N ILE B 84 -11.28 -9.09 3.82
CA ILE B 84 -10.03 -8.78 3.14
C ILE B 84 -9.57 -7.41 3.61
N ILE B 85 -8.35 -7.37 4.14
CA ILE B 85 -7.77 -6.15 4.70
C ILE B 85 -6.72 -5.66 3.72
N ALA B 86 -6.81 -4.39 3.35
CA ALA B 86 -5.91 -3.81 2.36
C ALA B 86 -5.70 -2.33 2.66
N ARG B 87 -4.68 -1.76 2.03
CA ARG B 87 -4.44 -0.32 2.08
C ARG B 87 -3.51 0.04 0.94
N SER B 88 -3.88 1.09 0.20
CA SER B 88 -3.04 1.61 -0.89
C SER B 88 -2.92 0.61 -2.04
N GLY B 89 -3.97 -0.18 -2.24
CA GLY B 89 -3.98 -1.17 -3.29
C GLY B 89 -3.18 -2.40 -2.96
N GLU B 90 -2.66 -2.48 -1.74
CA GLU B 90 -1.91 -3.62 -1.25
C GLU B 90 -2.80 -4.48 -0.37
N TYR B 91 -2.86 -5.77 -0.68
CA TYR B 91 -3.47 -6.77 0.20
C TYR B 91 -2.64 -6.89 1.47
N LEU B 92 -3.28 -6.84 2.63
CA LEU B 92 -2.55 -6.95 3.89
C LEU B 92 -2.95 -8.14 4.76
N GLY B 93 -4.03 -8.85 4.43
CA GLY B 93 -4.48 -9.95 5.25
C GLY B 93 -5.92 -10.28 4.98
N ASP B 94 -6.35 -11.41 5.52
CA ASP B 94 -7.74 -11.84 5.44
C ASP B 94 -8.13 -12.61 6.68
N VAL B 95 -9.44 -12.68 6.92
CA VAL B 95 -10.04 -13.58 7.91
C VAL B 95 -11.21 -14.28 7.27
N VAL B 96 -11.23 -15.61 7.39
CA VAL B 96 -12.25 -16.48 6.78
C VAL B 96 -12.95 -17.20 7.90
N GLY B 97 -14.27 -17.06 7.94
CA GLY B 97 -15.02 -17.59 9.07
C GLY B 97 -15.45 -16.51 10.02
N ALA B 98 -16.49 -16.80 10.77
CA ALA B 98 -17.03 -15.85 11.75
C ALA B 98 -16.07 -15.74 12.92
N LYS B 99 -14.96 -15.02 12.72
CA LYS B 99 -13.90 -14.93 13.73
C LYS B 99 -13.60 -13.45 13.99
N PRO B 100 -14.55 -12.72 14.60
CA PRO B 100 -14.36 -11.28 14.79
C PRO B 100 -13.17 -10.92 15.65
N ASP B 101 -12.79 -11.78 16.58
CA ASP B 101 -11.62 -11.51 17.44
C ASP B 101 -10.31 -11.72 16.68
N LEU B 102 -10.31 -12.57 15.67
CA LEU B 102 -9.12 -12.66 14.84
C LEU B 102 -9.01 -11.43 13.95
N LEU B 103 -10.15 -10.97 13.41
CA LEU B 103 -10.16 -9.70 12.69
C LEU B 103 -9.59 -8.56 13.55
N ILE B 104 -10.07 -8.44 14.79
CA ILE B 104 -9.57 -7.39 15.69
C ILE B 104 -8.06 -7.52 15.84
N GLU B 105 -7.59 -8.74 16.10
CA GLU B 105 -6.14 -9.00 16.15
C GLU B 105 -5.45 -8.59 14.85
N LYS B 106 -5.93 -9.06 13.70
CA LYS B 106 -5.28 -8.71 12.43
C LYS B 106 -5.29 -7.20 12.18
N ILE B 107 -6.29 -6.48 12.67
CA ILE B 107 -6.31 -5.03 12.43
C ILE B 107 -5.27 -4.35 13.30
N LYS B 108 -5.12 -4.80 14.56
CA LYS B 108 -4.11 -4.22 15.46
C LYS B 108 -2.70 -4.46 14.95
N ASN B 109 -2.37 -5.70 14.61
CA ASN B 109 -1.03 -6.00 14.11
C ASN B 109 -0.70 -5.18 12.88
N ILE B 110 -1.68 -5.00 11.99
CA ILE B 110 -1.42 -4.26 10.76
C ILE B 110 -1.18 -2.80 11.04
N LYS B 111 -1.89 -2.24 12.02
CA LYS B 111 -1.68 -0.86 12.42
C LYS B 111 -0.33 -0.67 13.07
N LYS B 112 0.05 -1.60 13.95
CA LYS B 112 1.39 -1.55 14.53
C LYS B 112 2.45 -1.58 13.44
N ASN B 113 2.36 -2.56 12.54
CA ASN B 113 3.35 -2.68 11.47
C ASN B 113 3.36 -1.43 10.59
N LEU B 114 2.26 -0.70 10.50
CA LEU B 114 2.25 0.48 9.63
C LEU B 114 3.12 1.59 10.19
N GLU B 115 3.09 1.78 11.51
CA GLU B 115 3.88 2.84 12.14
C GLU B 115 5.37 2.69 11.86
N HIS B 116 5.96 1.56 12.26
CA HIS B 116 7.39 1.29 12.09
C HIS B 116 8.21 2.36 12.77
#